data_2ORS
#
_entry.id   2ORS
#
_cell.length_a   63.581
_cell.length_b   74.857
_cell.length_c   93.775
_cell.angle_alpha   90.00
_cell.angle_beta   90.00
_cell.angle_gamma   90.00
#
_symmetry.space_group_name_H-M   'P 21 21 21'
#
loop_
_entity.id
_entity.type
_entity.pdbx_description
1 polymer 'Nitric oxide synthase, inducible'
2 non-polymer 'PROTOPORPHYRIN IX CONTAINING FE'
3 non-polymer 4-(1,3-BENZODIOXOL-5-YLOXY)-2-[4-(1H-IMIDAZOL-1-YL)PHENOXY]-6-METHYLPYRIMIDINE
4 non-polymer 1,2-ETHANEDIOL
5 water water
#
_entity_poly.entity_id   1
_entity_poly.type   'polypeptide(L)'
_entity_poly.pdbx_seq_one_letter_code
;MNPKSLTRGPRDKPTPLEELLPHAIEFINQYYGSFKEAKIEEHLARLEAVTKEIETTGTYQLTLDELIFATKMAWRNAPR
CIGRIQWSNLQVFDARNCSTAQEMFQHICRHILYATNNGNIRSAITVFPQRSDGKHDFRLWNSQLIRYAGYQMPDGTIRG
DAATLEFTQLCIDLGWKPRYGRFDVLPLVLQADGQDPEVFEIPPDLVLEVTMEHPKYEWFQELGLKWYALPAVANMLLEV
GGLEFPACPFNGWYMGTEIGVRDFCDTQRYNILEEVGRRMGLETHTLASLWKDRAVTEINVAVLHSFQKQNVTIMDHHTA
SESFMKHMQNEYRARGGCPADWIWLVPPVSGSITPVFHQEMLNYVLSPFYYYQIEPWKTHIWQNEHHHH
;
_entity_poly.pdbx_strand_id   A
#
loop_
_chem_comp.id
_chem_comp.type
_chem_comp.name
_chem_comp.formula
391 non-polymer 4-(1,3-BENZODIOXOL-5-YLOXY)-2-[4-(1H-IMIDAZOL-1-YL)PHENOXY]-6-METHYLPYRIMIDINE 'C21 H16 N4 O4'
EDO non-polymer 1,2-ETHANEDIOL 'C2 H6 O2'
HEM non-polymer 'PROTOPORPHYRIN IX CONTAINING FE' 'C34 H32 Fe N4 O4'
#
# COMPACT_ATOMS: atom_id res chain seq x y z
N MET A 1 10.37 -16.63 -24.00
CA MET A 1 10.37 -15.79 -22.81
C MET A 1 9.82 -16.56 -21.61
N ASN A 2 10.26 -16.17 -20.41
CA ASN A 2 9.75 -16.75 -19.17
C ASN A 2 9.49 -15.68 -18.12
N PRO A 3 8.64 -14.70 -18.46
CA PRO A 3 8.26 -13.68 -17.47
C PRO A 3 7.52 -14.31 -16.30
N LYS A 4 7.48 -13.61 -15.18
CA LYS A 4 6.70 -14.07 -14.04
C LYS A 4 5.32 -13.39 -14.03
N SER A 5 4.37 -13.98 -13.33
CA SER A 5 3.10 -13.31 -13.10
C SER A 5 3.31 -12.14 -12.14
N LEU A 6 2.70 -11.00 -12.46
CA LEU A 6 2.73 -9.82 -11.59
C LEU A 6 1.58 -9.83 -10.58
N THR A 7 0.78 -10.89 -10.61
CA THR A 7 -0.38 -11.04 -9.73
C THR A 7 -0.15 -12.16 -8.71
N ARG A 8 -0.57 -11.93 -7.46
CA ARG A 8 -0.48 -12.94 -6.41
C ARG A 8 -1.86 -13.14 -5.79
N GLY A 9 -2.42 -14.34 -5.95
CA GLY A 9 -3.81 -14.56 -5.59
C GLY A 9 -4.08 -15.04 -4.17
N PRO A 10 -5.32 -15.43 -3.87
CA PRO A 10 -5.73 -15.85 -2.53
C PRO A 10 -5.24 -17.26 -2.20
N ARG A 11 -5.26 -17.59 -0.91
CA ARG A 11 -4.99 -18.95 -0.43
C ARG A 11 -6.16 -19.36 0.46
N ASP A 12 -6.30 -20.66 0.71
CA ASP A 12 -7.28 -21.14 1.66
C ASP A 12 -6.59 -21.90 2.79
N LYS A 13 -5.28 -22.01 2.67
CA LYS A 13 -4.47 -22.67 3.70
C LYS A 13 -3.17 -21.90 3.94
N PRO A 14 -2.59 -22.04 5.14
CA PRO A 14 -1.30 -21.43 5.45
C PRO A 14 -0.23 -21.92 4.48
N THR A 15 0.78 -21.09 4.25
CA THR A 15 1.90 -21.49 3.42
C THR A 15 2.61 -22.68 4.06
N PRO A 16 2.84 -23.74 3.28
CA PRO A 16 3.52 -24.92 3.83
C PRO A 16 4.93 -24.59 4.31
N LEU A 17 5.32 -25.15 5.45
CA LEU A 17 6.59 -24.84 6.08
C LEU A 17 7.77 -25.14 5.18
N GLU A 18 7.62 -26.12 4.30
CA GLU A 18 8.68 -26.48 3.36
C GLU A 18 8.88 -25.43 2.29
N GLU A 19 7.87 -24.60 2.07
CA GLU A 19 7.98 -23.49 1.12
C GLU A 19 8.45 -22.22 1.84
N LEU A 20 7.86 -21.95 3.01
CA LEU A 20 8.15 -20.73 3.75
C LEU A 20 9.61 -20.64 4.21
N LEU A 21 10.13 -21.74 4.74
CA LEU A 21 11.45 -21.74 5.37
C LEU A 21 12.56 -21.21 4.45
N PRO A 22 12.68 -21.75 3.24
CA PRO A 22 13.74 -21.31 2.33
C PRO A 22 13.63 -19.82 1.97
N HIS A 23 12.41 -19.34 1.79
CA HIS A 23 12.18 -17.93 1.44
C HIS A 23 12.55 -17.00 2.61
N ALA A 24 12.19 -17.41 3.82
CA ALA A 24 12.55 -16.64 5.02
C ALA A 24 14.08 -16.53 5.13
N ILE A 25 14.75 -17.68 5.02
CA ILE A 25 16.21 -17.71 5.10
C ILE A 25 16.86 -16.79 4.09
N GLU A 26 16.33 -16.76 2.87
CA GLU A 26 16.92 -15.95 1.82
C GLU A 26 16.73 -14.47 2.11
N PHE A 27 15.58 -14.10 2.67
CA PHE A 27 15.34 -12.70 3.01
C PHE A 27 16.25 -12.26 4.16
N ILE A 28 16.37 -13.09 5.18
CA ILE A 28 17.25 -12.79 6.31
C ILE A 28 18.67 -12.53 5.81
N ASN A 29 19.10 -13.29 4.80
CA ASN A 29 20.43 -13.10 4.20
C ASN A 29 20.54 -11.74 3.51
N GLN A 30 19.52 -11.39 2.74
CA GLN A 30 19.50 -10.10 2.05
C GLN A 30 19.58 -8.97 3.07
N TYR A 31 18.83 -9.09 4.16
CA TYR A 31 18.81 -8.06 5.18
C TYR A 31 20.19 -7.88 5.82
N TYR A 32 20.77 -8.97 6.33
CA TYR A 32 22.05 -8.86 7.01
C TYR A 32 23.21 -8.64 6.05
N GLY A 33 23.00 -8.97 4.78
CA GLY A 33 24.00 -8.68 3.77
C GLY A 33 24.16 -7.19 3.53
N SER A 34 23.15 -6.41 3.90
CA SER A 34 23.24 -4.96 3.76
C SER A 34 24.13 -4.36 4.84
N PHE A 35 24.81 -5.24 5.59
CA PHE A 35 25.81 -4.81 6.57
C PHE A 35 27.19 -5.33 6.18
N LYS A 36 27.25 -6.09 5.09
CA LYS A 36 28.49 -6.59 4.53
C LYS A 36 29.32 -7.40 5.52
N GLU A 37 30.36 -6.79 6.08
CA GLU A 37 31.29 -7.50 6.95
C GLU A 37 30.83 -7.57 8.40
N ALA A 38 29.80 -6.80 8.74
CA ALA A 38 29.34 -6.71 10.12
C ALA A 38 28.20 -7.66 10.43
N LYS A 39 28.11 -8.06 11.70
CA LYS A 39 26.94 -8.74 12.24
C LYS A 39 26.74 -10.19 11.79
N ILE A 40 27.84 -10.92 11.60
CA ILE A 40 27.75 -12.33 11.23
C ILE A 40 27.08 -13.17 12.30
N GLU A 41 27.35 -12.84 13.56
CA GLU A 41 26.81 -13.63 14.66
C GLU A 41 25.36 -13.28 14.96
N GLU A 42 24.98 -12.04 14.66
CA GLU A 42 23.59 -11.63 14.78
C GLU A 42 22.75 -12.29 13.69
N HIS A 43 23.31 -12.32 12.49
CA HIS A 43 22.70 -13.01 11.35
C HIS A 43 22.35 -14.45 11.71
N LEU A 44 23.33 -15.16 12.26
CA LEU A 44 23.16 -16.57 12.62
C LEU A 44 22.14 -16.75 13.73
N ALA A 45 22.15 -15.85 14.70
CA ALA A 45 21.17 -15.90 15.78
C ALA A 45 19.75 -15.67 15.28
N ARG A 46 19.59 -14.81 14.28
CA ARG A 46 18.26 -14.51 13.74
C ARG A 46 17.74 -15.69 12.90
N LEU A 47 18.63 -16.34 12.16
CA LEU A 47 18.27 -17.53 11.40
C LEU A 47 17.72 -18.62 12.31
N GLU A 48 18.36 -18.79 13.46
CA GLU A 48 17.98 -19.83 14.42
C GLU A 48 16.62 -19.53 15.03
N ALA A 49 16.41 -18.27 15.41
CA ALA A 49 15.15 -17.86 16.03
C ALA A 49 13.97 -17.90 15.06
N VAL A 50 14.21 -17.52 13.81
CA VAL A 50 13.14 -17.55 12.81
C VAL A 50 12.68 -18.97 12.55
N THR A 51 13.64 -19.91 12.50
CA THR A 51 13.31 -21.30 12.22
C THR A 51 12.48 -21.91 13.35
N LYS A 52 12.88 -21.68 14.59
CA LYS A 52 12.14 -22.21 15.73
C LYS A 52 10.73 -21.64 15.75
N GLU A 53 10.61 -20.37 15.40
CA GLU A 53 9.31 -19.72 15.37
C GLU A 53 8.41 -20.38 14.31
N ILE A 54 8.96 -20.60 13.13
CA ILE A 54 8.20 -21.22 12.04
C ILE A 54 7.81 -22.64 12.39
N GLU A 55 8.73 -23.36 13.04
CA GLU A 55 8.52 -24.76 13.36
C GLU A 55 7.52 -24.95 14.49
N THR A 56 7.36 -23.94 15.35
CA THR A 56 6.46 -24.05 16.48
C THR A 56 5.11 -23.37 16.26
N THR A 57 5.08 -22.30 15.46
CA THR A 57 3.86 -21.53 15.27
C THR A 57 3.30 -21.66 13.85
N GLY A 58 4.12 -22.15 12.93
CA GLY A 58 3.71 -22.25 11.55
C GLY A 58 4.04 -21.03 10.70
N THR A 59 4.49 -19.96 11.34
CA THR A 59 4.85 -18.74 10.61
C THR A 59 5.90 -17.95 11.41
N TYR A 60 6.15 -16.70 11.02
CA TYR A 60 7.05 -15.85 11.80
C TYR A 60 6.76 -14.35 11.64
N GLN A 61 7.26 -13.55 12.58
CA GLN A 61 7.05 -12.10 12.54
C GLN A 61 8.35 -11.37 12.22
N LEU A 62 8.26 -10.37 11.34
CA LEU A 62 9.43 -9.56 11.01
C LEU A 62 9.67 -8.58 12.16
N THR A 63 10.93 -8.17 12.35
CA THR A 63 11.22 -7.04 13.23
C THR A 63 10.81 -5.77 12.50
N LEU A 64 10.65 -4.68 13.23
CA LEU A 64 10.27 -3.40 12.63
C LEU A 64 11.32 -2.96 11.62
N ASP A 65 12.60 -3.12 11.98
CA ASP A 65 13.68 -2.74 11.08
C ASP A 65 13.66 -3.60 9.81
N GLU A 66 13.35 -4.87 9.96
CA GLU A 66 13.23 -5.76 8.81
C GLU A 66 12.06 -5.34 7.91
N LEU A 67 10.93 -4.98 8.52
CA LEU A 67 9.78 -4.53 7.72
C LEU A 67 10.08 -3.23 6.96
N ILE A 68 10.72 -2.28 7.63
CA ILE A 68 11.09 -1.02 6.98
C ILE A 68 12.01 -1.30 5.79
N PHE A 69 13.04 -2.13 6.01
CA PHE A 69 13.93 -2.53 4.91
C PHE A 69 13.15 -3.20 3.77
N ALA A 70 12.19 -4.05 4.12
CA ALA A 70 11.42 -4.77 3.12
C ALA A 70 10.59 -3.83 2.22
N THR A 71 9.92 -2.85 2.84
CA THR A 71 9.06 -1.93 2.08
C THR A 71 9.90 -1.08 1.12
N LYS A 72 11.12 -0.73 1.53
CA LYS A 72 12.01 0.08 0.70
C LYS A 72 12.65 -0.69 -0.45
N MET A 73 13.00 -1.95 -0.20
CA MET A 73 13.55 -2.80 -1.26
C MET A 73 12.49 -3.19 -2.29
N ALA A 74 11.26 -3.44 -1.85
CA ALA A 74 10.17 -3.72 -2.78
C ALA A 74 9.88 -2.51 -3.67
N TRP A 75 10.00 -1.31 -3.10
CA TRP A 75 9.84 -0.08 -3.88
C TRP A 75 10.98 0.01 -4.89
N ARG A 76 12.19 -0.27 -4.42
CA ARG A 76 13.35 -0.26 -5.30
C ARG A 76 13.16 -1.28 -6.44
N ASN A 77 12.48 -2.39 -6.15
CA ASN A 77 12.27 -3.46 -7.12
C ASN A 77 11.06 -3.25 -8.04
N ALA A 78 10.38 -2.11 -7.90
CA ALA A 78 9.22 -1.81 -8.72
C ALA A 78 9.64 -1.28 -10.10
N PRO A 79 9.45 -2.09 -11.14
CA PRO A 79 9.97 -1.84 -12.49
C PRO A 79 9.53 -0.50 -13.10
N ARG A 80 8.24 -0.19 -12.99
CA ARG A 80 7.70 1.00 -13.64
C ARG A 80 7.67 2.26 -12.77
N CYS A 81 8.02 2.13 -11.50
CA CYS A 81 7.95 3.31 -10.62
C CYS A 81 9.11 4.26 -10.85
N ILE A 82 8.80 5.44 -11.36
CA ILE A 82 9.80 6.49 -11.57
C ILE A 82 10.29 7.04 -10.23
N GLY A 83 9.43 6.97 -9.21
CA GLY A 83 9.81 7.46 -7.89
C GLY A 83 10.89 6.64 -7.19
N ARG A 84 11.15 5.42 -7.67
CA ARG A 84 12.03 4.50 -6.94
C ARG A 84 13.50 4.93 -6.91
N ILE A 85 13.83 5.96 -7.69
CA ILE A 85 15.19 6.48 -7.68
C ILE A 85 15.54 7.05 -6.30
N GLN A 86 14.53 7.47 -5.56
CA GLN A 86 14.75 7.98 -4.20
C GLN A 86 14.08 7.12 -3.11
N TRP A 87 14.32 5.80 -3.19
CA TRP A 87 13.59 4.82 -2.38
C TRP A 87 13.79 4.94 -0.87
N SER A 88 14.80 5.70 -0.45
CA SER A 88 15.09 5.81 0.98
C SER A 88 14.16 6.81 1.65
N ASN A 89 13.50 7.66 0.86
CA ASN A 89 12.53 8.62 1.40
C ASN A 89 11.14 7.96 1.54
N LEU A 90 10.96 7.10 2.54
CA LEU A 90 9.68 6.43 2.76
C LEU A 90 9.37 6.30 4.24
N GLN A 91 8.20 6.80 4.64
CA GLN A 91 7.74 6.67 6.02
C GLN A 91 6.84 5.43 6.17
N VAL A 92 7.14 4.60 7.16
CA VAL A 92 6.38 3.37 7.37
C VAL A 92 5.50 3.50 8.62
N PHE A 93 4.21 3.16 8.48
CA PHE A 93 3.32 3.04 9.63
C PHE A 93 2.97 1.58 9.88
N ASP A 94 3.35 1.09 11.06
CA ASP A 94 3.18 -0.32 11.40
C ASP A 94 1.80 -0.58 12.02
N ALA A 95 0.91 -1.21 11.26
CA ALA A 95 -0.44 -1.49 11.75
C ALA A 95 -0.70 -2.99 11.86
N ARG A 96 0.35 -3.77 12.09
CA ARG A 96 0.24 -5.21 12.05
C ARG A 96 -0.55 -5.77 13.22
N ASN A 97 -0.87 -4.92 14.19
CA ASN A 97 -1.67 -5.35 15.35
C ASN A 97 -3.13 -4.92 15.22
N CYS A 98 -3.52 -4.43 14.05
CA CYS A 98 -4.89 -3.99 13.79
C CYS A 98 -5.85 -5.19 13.80
N SER A 99 -7.06 -5.00 14.34
CA SER A 99 -8.02 -6.11 14.37
C SER A 99 -9.39 -5.84 13.75
N THR A 100 -9.84 -4.58 13.74
CA THR A 100 -11.16 -4.28 13.18
C THR A 100 -11.14 -3.24 12.05
N ALA A 101 -12.23 -3.19 11.31
CA ALA A 101 -12.40 -2.23 10.23
C ALA A 101 -12.42 -0.80 10.76
N GLN A 102 -13.03 -0.58 11.91
CA GLN A 102 -13.02 0.76 12.51
C GLN A 102 -11.58 1.18 12.77
N GLU A 103 -10.75 0.25 13.23
CA GLU A 103 -9.34 0.51 13.44
C GLU A 103 -8.57 0.74 12.15
N MET A 104 -8.88 -0.02 11.09
CA MET A 104 -8.28 0.22 9.78
C MET A 104 -8.56 1.66 9.35
N PHE A 105 -9.81 2.08 9.52
CA PHE A 105 -10.23 3.43 9.15
C PHE A 105 -9.36 4.49 9.84
N GLN A 106 -9.13 4.35 11.14
CA GLN A 106 -8.31 5.33 11.85
C GLN A 106 -6.86 5.33 11.36
N HIS A 107 -6.33 4.16 11.02
CA HIS A 107 -4.99 4.08 10.47
C HIS A 107 -4.88 4.81 9.13
N ILE A 108 -5.88 4.63 8.28
CA ILE A 108 -5.89 5.30 6.98
C ILE A 108 -6.07 6.82 7.07
N CYS A 109 -6.88 7.28 8.03
CA CYS A 109 -6.99 8.72 8.27
C CYS A 109 -5.63 9.33 8.64
N ARG A 110 -4.89 8.63 9.48
CA ARG A 110 -3.57 9.05 9.92
C ARG A 110 -2.61 9.10 8.72
N HIS A 111 -2.65 8.06 7.88
CA HIS A 111 -1.85 8.00 6.67
C HIS A 111 -2.14 9.22 5.79
N ILE A 112 -3.42 9.43 5.47
CA ILE A 112 -3.80 10.53 4.59
C ILE A 112 -3.34 11.87 5.13
N LEU A 113 -3.48 12.05 6.45
CA LEU A 113 -3.04 13.27 7.12
C LEU A 113 -1.55 13.53 6.96
N TYR A 114 -0.75 12.53 7.33
CA TYR A 114 0.70 12.66 7.29
C TYR A 114 1.19 12.88 5.87
N ALA A 115 0.66 12.09 4.93
CA ALA A 115 1.12 12.14 3.55
C ALA A 115 0.72 13.43 2.83
N THR A 116 -0.47 13.95 3.11
CA THR A 116 -0.91 15.17 2.45
C THR A 116 -0.13 16.37 3.00
N ASN A 117 -0.05 16.48 4.32
CA ASN A 117 0.81 17.48 4.95
C ASN A 117 0.53 18.86 4.35
N ASN A 118 -0.76 19.20 4.30
CA ASN A 118 -1.16 20.53 3.86
C ASN A 118 -0.68 20.86 2.45
N GLY A 119 -0.20 19.84 1.72
CA GLY A 119 0.21 20.05 0.34
C GLY A 119 1.65 19.70 0.07
N ASN A 120 2.47 19.72 1.12
CA ASN A 120 3.87 19.35 1.01
C ASN A 120 3.98 17.82 1.12
N ILE A 121 3.69 17.13 0.02
CA ILE A 121 3.41 15.70 0.05
C ILE A 121 4.60 14.87 0.53
N ARG A 122 4.34 13.90 1.39
CA ARG A 122 5.37 12.94 1.81
C ARG A 122 4.95 11.51 1.47
N SER A 123 5.90 10.70 1.00
CA SER A 123 5.66 9.28 0.72
C SER A 123 5.54 8.44 1.99
N ALA A 124 4.52 7.60 2.05
CA ALA A 124 4.30 6.74 3.21
C ALA A 124 3.66 5.41 2.80
N ILE A 125 3.82 4.41 3.66
CA ILE A 125 3.10 3.16 3.48
C ILE A 125 2.59 2.70 4.86
N THR A 126 1.36 2.19 4.88
CA THR A 126 0.79 1.60 6.10
C THR A 126 0.61 0.11 5.93
N VAL A 127 1.26 -0.67 6.80
CA VAL A 127 1.25 -2.13 6.69
C VAL A 127 0.29 -2.80 7.69
N PHE A 128 -0.73 -3.48 7.16
CA PHE A 128 -1.69 -4.19 8.00
C PHE A 128 -1.24 -5.64 8.24
N PRO A 129 -1.99 -6.41 9.05
CA PRO A 129 -1.52 -7.75 9.41
C PRO A 129 -1.30 -8.67 8.21
N GLN A 130 -0.24 -9.47 8.28
CA GLN A 130 0.07 -10.42 7.23
C GLN A 130 -0.99 -11.52 7.13
N ARG A 131 -1.06 -12.15 5.98
CA ARG A 131 -1.97 -13.26 5.73
C ARG A 131 -1.61 -14.45 6.62
N SER A 132 -2.63 -15.10 7.19
CA SER A 132 -2.43 -16.29 7.99
C SER A 132 -2.84 -17.53 7.19
N ASP A 133 -4.11 -17.91 7.28
CA ASP A 133 -4.62 -19.06 6.52
C ASP A 133 -5.25 -18.64 5.20
N GLY A 134 -5.38 -17.34 5.00
CA GLY A 134 -5.98 -16.85 3.76
C GLY A 134 -7.48 -16.64 3.90
N LYS A 135 -8.03 -17.04 5.06
CA LYS A 135 -9.46 -16.90 5.30
C LYS A 135 -9.75 -15.69 6.18
N HIS A 136 -8.70 -15.02 6.64
CA HIS A 136 -8.85 -13.88 7.53
C HIS A 136 -8.17 -12.62 6.98
N ASP A 137 -8.08 -12.51 5.66
CA ASP A 137 -7.37 -11.41 5.01
C ASP A 137 -7.89 -10.04 5.41
N PHE A 138 -6.97 -9.09 5.58
CA PHE A 138 -7.31 -7.67 5.54
C PHE A 138 -7.15 -7.16 4.11
N ARG A 139 -8.13 -6.39 3.64
CA ARG A 139 -8.10 -5.85 2.28
C ARG A 139 -8.79 -4.48 2.21
N LEU A 140 -8.20 -3.58 1.42
CA LEU A 140 -8.90 -2.40 0.95
C LEU A 140 -9.51 -2.68 -0.42
N TRP A 141 -10.82 -2.49 -0.56
CA TRP A 141 -11.48 -2.82 -1.82
C TRP A 141 -11.31 -1.72 -2.86
N ASN A 142 -11.07 -0.50 -2.40
CA ASN A 142 -10.71 0.62 -3.29
C ASN A 142 -9.43 0.30 -4.05
N SER A 143 -9.27 0.90 -5.24
CA SER A 143 -7.99 0.82 -5.95
C SER A 143 -7.05 1.94 -5.53
N GLN A 144 -7.60 3.11 -5.21
CA GLN A 144 -6.83 4.22 -4.61
C GLN A 144 -7.54 4.71 -3.33
N LEU A 145 -6.80 5.31 -2.40
CA LEU A 145 -7.44 5.83 -1.19
C LEU A 145 -8.44 6.93 -1.55
N ILE A 146 -8.01 7.87 -2.39
CA ILE A 146 -8.88 8.95 -2.85
C ILE A 146 -9.23 8.75 -4.33
N ARG A 147 -10.52 8.71 -4.65
CA ARG A 147 -10.95 8.65 -6.05
C ARG A 147 -12.41 9.11 -6.16
N TYR A 148 -12.78 9.69 -7.29
CA TYR A 148 -14.15 10.19 -7.48
C TYR A 148 -15.11 9.12 -7.99
N ALA A 149 -16.37 9.23 -7.58
CA ALA A 149 -17.40 8.30 -8.02
C ALA A 149 -17.76 8.53 -9.48
N GLY A 150 -18.22 7.47 -10.15
CA GLY A 150 -18.68 7.60 -11.51
C GLY A 150 -20.06 7.02 -11.70
N TYR A 151 -20.96 7.80 -12.29
CA TYR A 151 -22.33 7.35 -12.52
C TYR A 151 -22.61 7.25 -14.02
N ARG A 159 -21.45 11.35 -15.73
CA ARG A 159 -21.43 12.17 -14.53
C ARG A 159 -20.44 11.60 -13.51
N GLY A 160 -19.28 12.25 -13.41
CA GLY A 160 -18.25 11.74 -12.51
C GLY A 160 -17.12 11.06 -13.26
N ASP A 161 -16.38 10.20 -12.55
CA ASP A 161 -15.29 9.46 -13.17
C ASP A 161 -15.83 8.21 -13.86
N ALA A 162 -15.54 8.08 -15.16
CA ALA A 162 -16.13 7.01 -15.96
C ALA A 162 -15.58 5.64 -15.59
N ALA A 163 -14.38 5.61 -15.00
CA ALA A 163 -13.68 4.37 -14.73
C ALA A 163 -13.98 3.73 -13.38
N THR A 164 -14.93 4.30 -12.64
CA THR A 164 -15.33 3.71 -11.35
C THR A 164 -16.81 3.35 -11.27
N LEU A 165 -17.46 3.25 -12.43
CA LEU A 165 -18.88 2.92 -12.48
C LEU A 165 -19.17 1.64 -11.68
N GLU A 166 -18.30 0.65 -11.85
CA GLU A 166 -18.49 -0.64 -11.20
C GLU A 166 -18.37 -0.53 -9.68
N PHE A 167 -17.33 0.14 -9.21
CA PHE A 167 -17.08 0.27 -7.78
C PHE A 167 -18.10 1.18 -7.13
N THR A 168 -18.53 2.20 -7.86
CA THR A 168 -19.57 3.11 -7.36
C THR A 168 -20.86 2.35 -7.14
N GLN A 169 -21.25 1.54 -8.13
CA GLN A 169 -22.47 0.75 -8.02
C GLN A 169 -22.37 -0.16 -6.80
N LEU A 170 -21.18 -0.74 -6.61
CA LEU A 170 -20.90 -1.61 -5.47
C LEU A 170 -21.11 -0.89 -4.14
N CYS A 171 -20.57 0.32 -4.02
CA CYS A 171 -20.76 1.11 -2.81
C CYS A 171 -22.25 1.33 -2.56
N ILE A 172 -22.98 1.62 -3.64
CA ILE A 172 -24.43 1.76 -3.57
C ILE A 172 -25.09 0.48 -3.06
N ASP A 173 -24.73 -0.65 -3.66
CA ASP A 173 -25.27 -1.94 -3.24
C ASP A 173 -25.02 -2.16 -1.76
N LEU A 174 -23.95 -1.56 -1.24
CA LEU A 174 -23.58 -1.73 0.16
C LEU A 174 -24.19 -0.66 1.07
N GLY A 175 -25.03 0.19 0.49
CA GLY A 175 -25.80 1.12 1.30
C GLY A 175 -25.23 2.53 1.34
N TRP A 176 -24.30 2.82 0.44
CA TRP A 176 -23.77 4.17 0.33
C TRP A 176 -24.73 5.03 -0.48
N LYS A 177 -25.04 6.21 0.04
CA LYS A 177 -25.95 7.14 -0.64
C LYS A 177 -25.24 7.93 -1.73
N PRO A 178 -25.63 7.70 -2.98
CA PRO A 178 -25.03 8.37 -4.14
C PRO A 178 -25.50 9.82 -4.30
N ARG A 179 -24.57 10.76 -4.21
CA ARG A 179 -24.79 12.09 -4.74
C ARG A 179 -24.75 11.94 -6.25
N TYR A 180 -24.77 13.05 -6.99
CA TYR A 180 -24.68 12.96 -8.44
C TYR A 180 -23.90 14.10 -9.05
N GLY A 181 -22.87 14.56 -8.34
CA GLY A 181 -21.91 15.47 -8.92
C GLY A 181 -20.88 14.70 -9.71
N ARG A 182 -19.91 15.40 -10.28
CA ARG A 182 -18.84 14.73 -11.00
C ARG A 182 -17.53 14.74 -10.22
N PHE A 183 -17.58 15.18 -8.97
CA PHE A 183 -16.43 15.12 -8.07
C PHE A 183 -16.82 14.60 -6.69
N ASP A 184 -17.56 13.50 -6.64
CA ASP A 184 -17.90 12.88 -5.36
C ASP A 184 -16.81 11.91 -4.94
N VAL A 185 -16.24 12.12 -3.75
CA VAL A 185 -15.20 11.24 -3.23
C VAL A 185 -15.81 9.94 -2.74
N LEU A 186 -15.40 8.82 -3.32
CA LEU A 186 -15.91 7.52 -2.90
C LEU A 186 -15.59 7.25 -1.44
N PRO A 187 -16.40 6.42 -0.76
CA PRO A 187 -16.12 5.97 0.60
C PRO A 187 -15.00 4.91 0.62
N LEU A 188 -14.37 4.73 1.78
CA LEU A 188 -13.47 3.58 1.96
C LEU A 188 -14.30 2.32 2.18
N VAL A 189 -13.94 1.25 1.50
CA VAL A 189 -14.59 -0.05 1.68
C VAL A 189 -13.57 -1.03 2.25
N LEU A 190 -13.69 -1.30 3.55
CA LEU A 190 -12.60 -1.92 4.31
C LEU A 190 -12.97 -3.30 4.85
N GLN A 191 -12.14 -4.29 4.53
CA GLN A 191 -12.32 -5.66 5.01
C GLN A 191 -11.28 -5.97 6.09
N ALA A 192 -11.76 -6.45 7.24
CA ALA A 192 -10.86 -6.80 8.33
C ALA A 192 -11.10 -8.26 8.72
N ASP A 193 -10.02 -9.01 8.94
CA ASP A 193 -10.10 -10.37 9.45
C ASP A 193 -10.97 -11.27 8.58
N GLY A 194 -11.10 -10.92 7.30
CA GLY A 194 -11.81 -11.77 6.36
C GLY A 194 -13.32 -11.56 6.36
N GLN A 195 -13.80 -10.64 7.18
CA GLN A 195 -15.24 -10.37 7.29
C GLN A 195 -15.75 -9.61 6.07
N ASP A 196 -17.07 -9.50 5.93
CA ASP A 196 -17.65 -8.64 4.91
C ASP A 196 -17.12 -7.22 5.11
N PRO A 197 -16.92 -6.48 4.02
CA PRO A 197 -16.40 -5.11 4.11
C PRO A 197 -17.39 -4.17 4.77
N GLU A 198 -16.87 -3.08 5.34
CA GLU A 198 -17.72 -2.01 5.86
C GLU A 198 -17.42 -0.69 5.16
N VAL A 199 -18.42 0.17 5.04
CA VAL A 199 -18.27 1.40 4.27
C VAL A 199 -18.00 2.60 5.19
N PHE A 200 -16.97 3.38 4.87
CA PHE A 200 -16.58 4.54 5.69
C PHE A 200 -16.39 5.78 4.84
N GLU A 201 -17.19 6.80 5.08
CA GLU A 201 -16.97 8.08 4.44
C GLU A 201 -15.63 8.64 4.92
N ILE A 202 -14.84 9.17 3.98
CA ILE A 202 -13.63 9.91 4.33
C ILE A 202 -14.03 11.32 4.79
N PRO A 203 -13.55 11.75 5.98
CA PRO A 203 -13.80 13.13 6.41
C PRO A 203 -13.32 14.13 5.37
N PRO A 204 -14.22 15.01 4.91
CA PRO A 204 -13.96 15.89 3.76
C PRO A 204 -12.74 16.78 3.95
N ASP A 205 -12.48 17.17 5.18
CA ASP A 205 -11.35 18.04 5.47
C ASP A 205 -10.01 17.33 5.30
N LEU A 206 -10.05 16.01 5.17
CA LEU A 206 -8.83 15.23 4.94
C LEU A 206 -8.45 15.20 3.47
N VAL A 207 -9.39 15.58 2.61
CA VAL A 207 -9.17 15.51 1.16
C VAL A 207 -8.76 16.85 0.57
N LEU A 208 -7.48 17.00 0.26
CA LEU A 208 -6.97 18.20 -0.39
C LEU A 208 -7.17 18.14 -1.90
N GLU A 209 -7.77 19.21 -2.45
CA GLU A 209 -8.01 19.28 -3.88
C GLU A 209 -7.35 20.50 -4.51
N VAL A 210 -6.88 20.35 -5.75
CA VAL A 210 -6.32 21.45 -6.51
C VAL A 210 -7.31 21.91 -7.58
N THR A 211 -7.64 23.19 -7.57
CA THR A 211 -8.59 23.75 -8.53
C THR A 211 -7.86 24.28 -9.76
N MET A 212 -8.20 23.73 -10.92
CA MET A 212 -7.59 24.16 -12.18
C MET A 212 -8.19 25.47 -12.67
N LEU A 223 -15.98 26.86 -15.57
CA LEU A 223 -15.56 25.52 -16.00
C LEU A 223 -15.62 24.52 -14.84
N GLY A 224 -15.18 24.96 -13.66
CA GLY A 224 -15.31 24.15 -12.47
C GLY A 224 -14.57 22.82 -12.53
N LEU A 225 -13.25 22.88 -12.68
CA LEU A 225 -12.43 21.69 -12.74
C LEU A 225 -11.47 21.59 -11.57
N LYS A 226 -11.36 20.41 -10.98
CA LYS A 226 -10.44 20.17 -9.87
C LYS A 226 -10.02 18.70 -9.80
N TRP A 227 -9.03 18.43 -8.96
CA TRP A 227 -8.56 17.06 -8.76
C TRP A 227 -7.92 16.91 -7.38
N TYR A 228 -7.91 15.69 -6.85
CA TYR A 228 -7.32 15.47 -5.54
C TYR A 228 -5.80 15.41 -5.63
N ALA A 229 -5.14 15.83 -4.56
CA ALA A 229 -3.70 16.04 -4.54
C ALA A 229 -2.90 14.75 -4.24
N LEU A 230 -3.52 13.80 -3.57
CA LEU A 230 -2.78 12.62 -3.09
C LEU A 230 -3.10 11.38 -3.93
N PRO A 231 -2.13 10.92 -4.73
CA PRO A 231 -2.19 9.65 -5.45
C PRO A 231 -1.67 8.51 -4.58
N ALA A 232 -2.58 7.65 -4.11
CA ALA A 232 -2.22 6.58 -3.19
C ALA A 232 -2.80 5.25 -3.67
N VAL A 233 -1.94 4.26 -3.92
CA VAL A 233 -2.40 2.95 -4.37
C VAL A 233 -2.85 2.13 -3.17
N ALA A 234 -4.08 1.61 -3.23
CA ALA A 234 -4.72 1.01 -2.06
C ALA A 234 -4.75 -0.51 -2.09
N ASN A 235 -4.48 -1.12 -3.24
CA ASN A 235 -4.92 -2.49 -3.49
C ASN A 235 -3.84 -3.53 -3.82
N MET A 236 -2.58 -3.23 -3.56
CA MET A 236 -1.53 -4.19 -3.88
C MET A 236 -1.11 -5.02 -2.66
N LEU A 237 -0.26 -6.03 -2.91
CA LEU A 237 0.16 -6.95 -1.86
C LEU A 237 1.68 -6.93 -1.76
N LEU A 238 2.20 -6.76 -0.54
CA LEU A 238 3.64 -6.83 -0.32
C LEU A 238 4.06 -8.24 0.04
N GLU A 239 5.03 -8.77 -0.70
CA GLU A 239 5.62 -10.08 -0.42
C GLU A 239 7.04 -9.92 0.11
N VAL A 240 7.38 -10.67 1.15
CA VAL A 240 8.71 -10.59 1.74
C VAL A 240 9.04 -11.83 2.56
N GLY A 241 10.11 -12.51 2.18
CA GLY A 241 10.52 -13.71 2.90
C GLY A 241 9.43 -14.77 2.99
N GLY A 242 8.56 -14.84 1.98
CA GLY A 242 7.50 -15.82 1.97
C GLY A 242 6.20 -15.38 2.66
N LEU A 243 6.26 -14.26 3.37
CA LEU A 243 5.07 -13.67 3.98
C LEU A 243 4.34 -12.79 2.96
N GLU A 244 3.04 -12.68 3.11
CA GLU A 244 2.20 -11.88 2.22
C GLU A 244 1.37 -10.87 3.03
N PHE A 245 1.41 -9.60 2.62
CA PHE A 245 0.59 -8.55 3.25
C PHE A 245 -0.39 -7.98 2.24
N PRO A 246 -1.65 -8.44 2.24
CA PRO A 246 -2.64 -8.09 1.22
C PRO A 246 -3.26 -6.71 1.42
N ALA A 247 -2.89 -6.05 2.52
CA ALA A 247 -3.34 -4.69 2.79
C ALA A 247 -2.14 -3.83 3.16
N CYS A 248 -1.70 -2.98 2.24
CA CYS A 248 -0.52 -2.14 2.46
C CYS A 248 -0.56 -0.91 1.56
N PRO A 249 -1.53 0.00 1.82
CA PRO A 249 -1.63 1.19 0.97
C PRO A 249 -0.38 2.06 1.05
N PHE A 250 0.02 2.62 -0.10
CA PHE A 250 1.16 3.55 -0.15
C PHE A 250 0.86 4.73 -1.07
N ASN A 251 1.68 5.78 -0.97
CA ASN A 251 1.50 6.94 -1.82
C ASN A 251 2.82 7.59 -2.21
N GLY A 252 2.81 8.23 -3.36
CA GLY A 252 3.89 9.14 -3.73
C GLY A 252 3.27 10.50 -4.02
N TRP A 253 3.80 11.21 -5.01
CA TRP A 253 3.13 12.39 -5.55
C TRP A 253 3.00 12.30 -7.06
N TYR A 254 2.17 13.15 -7.65
CA TYR A 254 1.91 13.12 -9.08
C TYR A 254 3.16 13.44 -9.91
N MET A 255 3.22 12.88 -11.12
CA MET A 255 4.24 13.23 -12.10
C MET A 255 3.80 14.47 -12.87
N ILE A 299 -3.13 22.35 -23.14
CA ILE A 299 -3.75 21.04 -23.22
C ILE A 299 -3.46 20.22 -21.98
N ASN A 300 -2.33 20.49 -21.34
CA ASN A 300 -1.91 19.73 -20.17
C ASN A 300 -1.20 20.62 -19.15
N VAL A 301 -0.68 21.75 -19.62
CA VAL A 301 0.12 22.64 -18.80
C VAL A 301 -0.71 23.33 -17.70
N ALA A 302 -2.02 23.30 -17.85
CA ALA A 302 -2.90 23.94 -16.87
C ALA A 302 -2.71 23.31 -15.49
N VAL A 303 -2.55 21.99 -15.47
CA VAL A 303 -2.38 21.27 -14.21
C VAL A 303 -1.03 21.55 -13.58
N LEU A 304 0.02 21.49 -14.40
CA LEU A 304 1.38 21.73 -13.93
C LEU A 304 1.45 23.10 -13.26
N HIS A 305 0.68 24.04 -13.78
CA HIS A 305 0.66 25.41 -13.26
C HIS A 305 -0.15 25.51 -11.97
N SER A 306 -1.29 24.81 -11.93
CA SER A 306 -2.22 24.93 -10.81
C SER A 306 -1.69 24.29 -9.53
N PHE A 307 -0.96 23.18 -9.67
CA PHE A 307 -0.39 22.51 -8.52
C PHE A 307 0.71 23.34 -7.88
N GLN A 308 1.58 23.91 -8.72
CA GLN A 308 2.66 24.76 -8.24
C GLN A 308 2.10 26.03 -7.62
N LYS A 309 1.13 26.64 -8.29
CA LYS A 309 0.52 27.87 -7.81
C LYS A 309 -0.13 27.65 -6.45
N GLN A 310 -0.65 26.45 -6.23
CA GLN A 310 -1.35 26.14 -4.99
C GLN A 310 -0.44 25.41 -4.00
N ASN A 311 0.84 25.31 -4.35
CA ASN A 311 1.85 24.77 -3.44
C ASN A 311 1.63 23.30 -3.12
N VAL A 312 1.28 22.51 -4.14
CA VAL A 312 1.17 21.07 -3.98
C VAL A 312 2.24 20.35 -4.79
N THR A 313 2.98 19.47 -4.12
CA THR A 313 4.13 18.80 -4.71
C THR A 313 3.78 18.01 -5.96
N ILE A 314 4.52 18.26 -7.04
CA ILE A 314 4.53 17.38 -8.20
C ILE A 314 5.98 17.11 -8.59
N MET A 315 6.18 16.15 -9.50
CA MET A 315 7.52 15.78 -9.88
C MET A 315 8.04 16.63 -11.04
N ASP A 316 8.34 17.90 -10.73
CA ASP A 316 9.01 18.79 -11.68
C ASP A 316 10.51 18.75 -11.40
N HIS A 317 11.28 19.50 -12.18
CA HIS A 317 12.73 19.41 -12.10
C HIS A 317 13.26 19.77 -10.72
N HIS A 318 12.71 20.83 -10.13
CA HIS A 318 13.08 21.22 -8.78
C HIS A 318 12.84 20.09 -7.77
N THR A 319 11.68 19.45 -7.86
CA THR A 319 11.35 18.37 -6.92
C THR A 319 12.18 17.12 -7.16
N ALA A 320 12.41 16.78 -8.43
CA ALA A 320 13.25 15.64 -8.76
C ALA A 320 14.63 15.81 -8.15
N SER A 321 15.16 17.02 -8.21
CA SER A 321 16.50 17.31 -7.73
C SER A 321 16.56 17.24 -6.21
N GLU A 322 15.63 17.93 -5.55
CA GLU A 322 15.62 18.00 -4.09
C GLU A 322 15.34 16.65 -3.43
N SER A 323 14.40 15.89 -3.98
CA SER A 323 14.08 14.59 -3.41
C SER A 323 15.25 13.63 -3.60
N PHE A 324 15.93 13.74 -4.73
CA PHE A 324 17.12 12.94 -4.96
C PHE A 324 18.26 13.36 -4.03
N MET A 325 18.38 14.66 -3.80
CA MET A 325 19.42 15.18 -2.91
C MET A 325 19.19 14.64 -1.50
N LYS A 326 17.93 14.61 -1.07
CA LYS A 326 17.59 14.06 0.24
C LYS A 326 17.87 12.56 0.32
N HIS A 327 17.58 11.84 -0.76
CA HIS A 327 17.88 10.42 -0.81
C HIS A 327 19.38 10.14 -0.61
N MET A 328 20.22 10.89 -1.31
CA MET A 328 21.67 10.69 -1.23
C MET A 328 22.24 11.12 0.12
N GLN A 329 21.58 12.05 0.78
CA GLN A 329 21.97 12.43 2.14
C GLN A 329 21.67 11.32 3.14
N ASN A 330 20.67 10.50 2.82
CA ASN A 330 20.40 9.30 3.60
C ASN A 330 21.50 8.27 3.36
N VAL A 365 12.84 -14.22 -10.23
CA VAL A 365 11.83 -13.67 -9.32
C VAL A 365 12.44 -12.66 -8.36
N LEU A 366 11.91 -11.44 -8.37
CA LEU A 366 12.34 -10.40 -7.43
C LEU A 366 11.61 -10.50 -6.09
N SER A 367 12.35 -10.27 -5.02
CA SER A 367 11.78 -10.26 -3.67
C SER A 367 12.68 -9.44 -2.75
N PRO A 368 12.09 -8.59 -1.88
CA PRO A 368 10.68 -8.24 -1.70
C PRO A 368 10.07 -7.58 -2.96
N PHE A 369 8.74 -7.55 -3.03
CA PHE A 369 8.04 -7.15 -4.25
C PHE A 369 6.58 -6.79 -3.96
N TYR A 370 6.07 -5.80 -4.69
CA TYR A 370 4.64 -5.46 -4.63
C TYR A 370 3.91 -6.15 -5.79
N TYR A 371 2.93 -6.98 -5.46
CA TYR A 371 2.13 -7.66 -6.46
C TYR A 371 0.76 -7.01 -6.62
N TYR A 372 0.15 -7.22 -7.80
CA TYR A 372 -1.26 -6.95 -7.98
C TYR A 372 -2.08 -8.12 -7.43
N GLN A 373 -3.37 -7.87 -7.22
CA GLN A 373 -4.27 -8.87 -6.65
C GLN A 373 -5.52 -8.99 -7.54
N ILE A 374 -6.30 -10.04 -7.32
CA ILE A 374 -7.62 -10.13 -7.95
C ILE A 374 -8.63 -9.29 -7.16
N GLU A 375 -9.42 -8.49 -7.88
CA GLU A 375 -10.43 -7.65 -7.24
C GLU A 375 -11.30 -8.46 -6.29
N PRO A 376 -11.38 -8.04 -5.01
CA PRO A 376 -11.93 -8.86 -3.93
C PRO A 376 -13.43 -9.14 -4.03
N TRP A 377 -14.18 -8.27 -4.72
CA TRP A 377 -15.59 -8.55 -4.93
C TRP A 377 -15.83 -9.72 -5.89
N LYS A 378 -14.79 -10.10 -6.63
CA LYS A 378 -14.88 -11.27 -7.50
C LYS A 378 -14.60 -12.58 -6.75
N THR A 379 -13.92 -12.50 -5.61
CA THR A 379 -13.49 -13.71 -4.91
C THR A 379 -14.12 -13.89 -3.53
N HIS A 380 -14.80 -12.86 -3.02
CA HIS A 380 -15.26 -12.86 -1.64
C HIS A 380 -16.57 -13.64 -1.48
N ILE A 381 -16.62 -14.52 -0.48
CA ILE A 381 -17.86 -15.21 -0.14
C ILE A 381 -18.57 -14.47 1.00
N TRP A 382 -19.77 -13.99 0.73
CA TRP A 382 -20.50 -13.19 1.69
C TRP A 382 -21.07 -14.02 2.84
N GLN A 383 -20.99 -13.47 4.05
CA GLN A 383 -21.44 -14.17 5.25
C GLN A 383 -22.80 -13.64 5.71
N ASN A 384 -23.20 -12.49 5.18
CA ASN A 384 -24.51 -11.92 5.49
C ASN A 384 -24.95 -10.96 4.40
CHA HEM B . 4.17 2.85 -10.35
CHB HEM B . 5.72 7.41 -9.74
CHC HEM B . 6.13 6.64 -4.94
CHD HEM B . 5.39 1.90 -5.74
C1A HEM B . 4.50 4.18 -10.59
C2A HEM B . 4.34 4.89 -11.86
C3A HEM B . 4.79 6.15 -11.68
C4A HEM B . 5.22 6.25 -10.30
CMA HEM B . 4.82 7.28 -12.72
CAA HEM B . 3.76 4.33 -13.16
CBA HEM B . 2.24 4.42 -13.13
CGA HEM B . 1.63 4.32 -14.50
O1A HEM B . 0.84 5.21 -14.87
O2A HEM B . 1.94 3.34 -15.23
C1B HEM B . 5.98 7.58 -8.38
C2B HEM B . 6.31 8.85 -7.81
C3B HEM B . 6.41 8.67 -6.48
C4B HEM B . 6.15 7.25 -6.21
CMB HEM B . 6.46 10.17 -8.58
CAB HEM B . 6.57 9.72 -5.60
CBB HEM B . 7.47 9.75 -4.50
C1C HEM B . 5.89 5.27 -4.74
C2C HEM B . 5.99 4.60 -3.45
C3C HEM B . 5.86 3.28 -3.68
C4C HEM B . 5.66 3.12 -5.12
CMC HEM B . 6.18 5.33 -2.11
CAC HEM B . 5.87 2.20 -2.77
CBC HEM B . 6.52 2.21 -1.46
C1D HEM B . 4.97 1.75 -7.06
C2D HEM B . 4.53 0.49 -7.64
C3D HEM B . 4.15 0.78 -8.91
C4D HEM B . 4.34 2.21 -9.11
CMD HEM B . 4.55 -0.91 -6.99
CAD HEM B . 3.81 -0.24 -10.01
CBD HEM B . 5.12 -0.72 -10.64
CGD HEM B . 4.91 -1.64 -11.83
O1D HEM B . 5.86 -1.78 -12.63
O2D HEM B . 3.81 -2.22 -11.96
NA HEM B . 5.03 5.05 -9.62
NB HEM B . 5.86 6.59 -7.40
NC HEM B . 5.65 4.36 -5.75
ND HEM B . 4.85 2.81 -7.96
FE HEM B . 5.36 4.71 -7.67
C36 391 C . -0.84 9.46 -10.72
C35 391 C . 0.52 9.33 -10.33
O39 391 C . 1.09 9.26 -9.10
C38 391 C . 2.49 8.97 -9.30
O37 391 C . 2.74 9.14 -10.71
C34 391 C . 1.53 9.22 -11.33
C33 391 C . 1.18 9.24 -12.71
C32 391 C . -0.18 9.37 -13.10
C31 391 C . -1.21 9.47 -12.12
O28 391 C . -2.54 9.67 -12.51
C23 391 C . -3.32 8.52 -12.49
N22 391 C . -3.18 7.61 -11.48
C24 391 C . -4.27 8.29 -13.50
C25 391 C . -5.04 7.11 -13.42
C27 391 C . -6.10 6.81 -14.48
N26 391 C . -4.86 6.25 -12.37
C21 391 C . -3.94 6.48 -11.41
O17 391 C . -3.79 5.60 -10.35
C14 391 C . -2.57 5.65 -9.70
C15 391 C . -2.42 6.43 -8.51
C16 391 C . -1.18 6.45 -7.82
C13 391 C . -1.45 4.90 -10.19
C12 391 C . -0.22 4.92 -9.50
C11 391 C . -0.06 5.70 -8.30
N3 391 C . 1.15 5.71 -7.61
C4 391 C . 1.45 6.37 -6.47
C5 391 C . 2.70 6.12 -6.15
NFE 391 C . 3.22 5.30 -7.07
C2 391 C . 2.27 5.04 -7.95
C1 EDO D . 20.25 4.83 1.20
O1 EDO D . 20.42 4.50 2.58
C2 EDO D . 21.52 4.44 0.43
O2 EDO D . 21.88 3.09 0.73
C1 EDO E . 16.08 0.53 7.48
O1 EDO E . 15.76 -0.42 8.51
C2 EDO E . 16.39 -0.21 6.19
O2 EDO E . 16.49 0.72 5.11
C1 EDO F . 12.63 -13.74 -16.53
O1 EDO F . 13.70 -13.88 -15.60
C2 EDO F . 12.58 -12.32 -17.07
O2 EDO F . 11.87 -12.30 -18.31
C1 EDO G . 8.87 -10.63 -9.64
O1 EDO G . 8.24 -11.79 -9.12
C2 EDO G . 8.40 -10.41 -11.07
O2 EDO G . 9.51 -10.52 -11.97
C1 EDO H . -3.47 14.27 -13.35
O1 EDO H . -3.25 15.11 -12.22
C2 EDO H . -4.97 14.12 -13.59
O2 EDO H . -5.28 12.77 -13.95
C1 EDO I . 13.50 0.55 15.28
O1 EDO I . 14.62 0.74 16.16
C2 EDO I . 13.24 1.84 14.51
O2 EDO I . 13.98 1.83 13.29
#